data_9GWG
#
_entry.id   9GWG
#
_cell.length_a   93.698
_cell.length_b   61.615
_cell.length_c   119.237
_cell.angle_alpha   90.000
_cell.angle_beta   102.050
_cell.angle_gamma   90.000
#
_symmetry.space_group_name_H-M   'C 1 2 1'
#
loop_
_entity.id
_entity.type
_entity.pdbx_description
1 polymer 'Peroxisome proliferator-activated receptor gamma'
2 non-polymer '4-[5-chloranyl-1-[2-chloranyl-6-(trifluoromethyl)phenyl]carbonyl-indazol-3-yl]-3-[[1-[(2-methylpropan-2-yl)oxycarbonyl]piperidin-4-yl]methoxy]benzoic acid'
3 water water
#
_entity_poly.entity_id   1
_entity_poly.type   'polypeptide(L)'
_entity_poly.pdbx_seq_one_letter_code
;GSHMESADLRALAKHLYDSYIKSFPLTKAKARAILTGKTTDKSPFVIYDMNSLMMGEDKIKFKHITPLQEQSKEVAIRIF
QGCQFRSVEAVQEITEYAKSIPGFVNLDLNDQVTLLKYGVHEIIYTMLASLMNKDGVLISEGQGFMTREFLKSLRKPFGD
FMEPKFEFAVKFNALELDDSDLAIFIAVIILSGDRPGLLNVKPIEDIQDNLLQALELQLKLNHPESSQLFAKLLQKMTDL
RQIVTEHVQLLQVIKKTETDMSLHPLLQEIYKDLY
;
_entity_poly.pdbx_strand_id   A,B
#
loop_
_chem_comp.id
_chem_comp.type
_chem_comp.name
_chem_comp.formula
A1IP1 non-polymer '4-[5-chloranyl-1-[2-chloranyl-6-(trifluoromethyl)phenyl]carbonyl-indazol-3-yl]-3-[[1-[(2-methylpropan-2-yl)oxycarbonyl]piperidin-4-yl]methoxy]benzoic acid' 'C33 H30 Cl2 F3 N3 O6'
#
# COMPACT_ATOMS: atom_id res chain seq x y z
N GLU A 5 -30.72 0.78 2.71
CA GLU A 5 -29.75 0.97 1.64
C GLU A 5 -29.27 -0.36 1.05
N SER A 6 -29.54 -1.44 1.77
CA SER A 6 -29.17 -2.79 1.37
C SER A 6 -29.64 -3.14 -0.05
N ALA A 7 -30.93 -2.91 -0.34
CA ALA A 7 -31.47 -3.18 -1.67
C ALA A 7 -30.85 -2.27 -2.73
N ASP A 8 -30.46 -1.05 -2.37
CA ASP A 8 -29.82 -0.15 -3.32
C ASP A 8 -28.35 -0.51 -3.54
N LEU A 9 -27.71 -1.11 -2.52
CA LEU A 9 -26.37 -1.67 -2.70
C LEU A 9 -26.39 -2.87 -3.65
N ARG A 10 -27.38 -3.75 -3.49
CA ARG A 10 -27.54 -4.87 -4.41
C ARG A 10 -27.83 -4.40 -5.82
N ALA A 11 -28.70 -3.37 -5.95
CA ALA A 11 -28.95 -2.78 -7.26
C ALA A 11 -27.68 -2.18 -7.85
N LEU A 12 -26.88 -1.49 -7.01
CA LEU A 12 -25.61 -0.94 -7.48
C LEU A 12 -24.63 -2.04 -7.91
N ALA A 13 -24.60 -3.17 -7.19
CA ALA A 13 -23.72 -4.27 -7.58
C ALA A 13 -24.16 -4.90 -8.90
N LYS A 14 -25.48 -5.12 -9.08
CA LYS A 14 -25.96 -5.63 -10.35
C LYS A 14 -25.67 -4.65 -11.48
N HIS A 15 -25.84 -3.34 -11.23
CA HIS A 15 -25.52 -2.35 -12.25
C HIS A 15 -24.08 -2.47 -12.70
N LEU A 16 -23.14 -2.52 -11.75
CA LEU A 16 -21.73 -2.55 -12.12
C LEU A 16 -21.36 -3.86 -12.81
N TYR A 17 -21.86 -4.99 -12.30
CA TYR A 17 -21.56 -6.28 -12.92
C TYR A 17 -22.06 -6.30 -14.37
N ASP A 18 -23.28 -5.83 -14.60
CA ASP A 18 -23.86 -5.80 -15.95
C ASP A 18 -23.00 -4.99 -16.92
N SER A 19 -22.51 -3.83 -16.46
CA SER A 19 -21.65 -2.95 -17.25
C SER A 19 -20.26 -3.53 -17.48
N TYR A 20 -19.75 -4.29 -16.50
CA TYR A 20 -18.45 -4.96 -16.66
C TYR A 20 -18.52 -6.03 -17.76
N ILE A 21 -19.64 -6.76 -17.84
CA ILE A 21 -19.80 -7.75 -18.88
C ILE A 21 -19.82 -7.06 -20.24
N LYS A 22 -20.48 -5.91 -20.31
CA LYS A 22 -20.59 -5.20 -21.58
C LYS A 22 -19.25 -4.60 -22.03
N SER A 23 -18.39 -4.19 -21.10
CA SER A 23 -17.16 -3.46 -21.41
C SER A 23 -15.95 -4.36 -21.67
N PHE A 24 -15.90 -5.55 -21.09
CA PHE A 24 -14.70 -6.40 -21.19
C PHE A 24 -15.03 -7.71 -21.93
N PRO A 25 -14.48 -7.93 -23.11
CA PRO A 25 -14.89 -9.13 -23.88
C PRO A 25 -14.44 -10.45 -23.25
N LEU A 26 -13.36 -10.50 -22.48
CA LEU A 26 -12.86 -11.75 -21.92
C LEU A 26 -13.00 -11.64 -20.41
N THR A 27 -14.00 -12.32 -19.87
CA THR A 27 -14.25 -12.33 -18.44
C THR A 27 -13.38 -13.38 -17.74
N LYS A 28 -13.38 -13.34 -16.41
CA LYS A 28 -12.69 -14.37 -15.65
C LYS A 28 -13.36 -15.72 -15.82
N ALA A 29 -14.69 -15.74 -15.85
CA ALA A 29 -15.43 -16.99 -16.08
C ALA A 29 -15.04 -17.63 -17.41
N LYS A 30 -14.95 -16.85 -18.50
CA LYS A 30 -14.54 -17.44 -19.77
C LYS A 30 -13.09 -17.89 -19.70
N ALA A 31 -12.22 -17.07 -19.10
CA ALA A 31 -10.80 -17.41 -19.00
C ALA A 31 -10.56 -18.68 -18.19
N ARG A 32 -11.32 -18.91 -17.10
CA ARG A 32 -11.18 -20.14 -16.32
C ARG A 32 -11.68 -21.36 -17.09
N ALA A 33 -12.72 -21.21 -17.91
CA ALA A 33 -13.18 -22.32 -18.72
C ALA A 33 -12.11 -22.72 -19.73
N ILE A 34 -11.41 -21.74 -20.31
CA ILE A 34 -10.33 -22.07 -21.24
C ILE A 34 -9.13 -22.67 -20.50
N LEU A 35 -8.80 -22.11 -19.33
CA LEU A 35 -7.59 -22.55 -18.62
C LEU A 35 -7.75 -23.94 -18.01
N THR A 36 -8.89 -24.24 -17.39
CA THR A 36 -9.02 -25.53 -16.73
C THR A 36 -9.35 -26.62 -17.74
N GLY A 37 -9.96 -26.25 -18.85
CA GLY A 37 -10.05 -27.19 -19.93
C GLY A 37 -11.30 -28.02 -20.00
N LYS A 38 -11.07 -29.31 -20.29
CA LYS A 38 -12.07 -30.33 -20.59
C LYS A 38 -12.64 -30.08 -21.98
N THR A 39 -12.79 -28.81 -22.35
CA THR A 39 -13.49 -28.46 -23.58
C THR A 39 -12.60 -28.65 -24.80
N THR A 40 -13.17 -29.27 -25.85
CA THR A 40 -12.50 -29.38 -27.14
C THR A 40 -12.67 -28.12 -28.01
N ASP A 41 -13.64 -27.24 -27.73
CA ASP A 41 -13.87 -26.07 -28.60
C ASP A 41 -13.11 -24.80 -28.16
N LYS A 42 -12.73 -24.71 -26.89
CA LYS A 42 -12.09 -23.53 -26.34
C LYS A 42 -10.59 -23.72 -26.13
N SER A 43 -10.00 -24.76 -26.69
CA SER A 43 -8.61 -25.13 -26.40
C SER A 43 -7.57 -24.22 -27.04
N PRO A 44 -6.71 -23.58 -26.25
CA PRO A 44 -5.73 -22.64 -26.81
C PRO A 44 -4.50 -23.34 -27.39
N PHE A 45 -3.89 -22.66 -28.36
CA PHE A 45 -2.55 -22.99 -28.82
C PHE A 45 -1.54 -22.47 -27.81
N VAL A 46 -0.49 -23.25 -27.54
CA VAL A 46 0.40 -22.94 -26.43
C VAL A 46 1.77 -22.52 -26.97
N ILE A 47 2.24 -21.35 -26.53
CA ILE A 47 3.54 -20.80 -26.94
C ILE A 47 4.52 -21.01 -25.79
N TYR A 48 5.56 -21.80 -26.04
CA TYR A 48 6.51 -22.18 -25.01
C TYR A 48 7.96 -21.98 -25.44
N ASP A 49 8.21 -21.61 -26.70
CA ASP A 49 9.57 -21.41 -27.19
C ASP A 49 9.52 -20.61 -28.50
N MET A 50 10.70 -20.44 -29.10
CA MET A 50 10.84 -19.60 -30.28
C MET A 50 10.07 -20.18 -31.46
N ASN A 51 10.21 -21.49 -31.70
CA ASN A 51 9.61 -22.04 -32.90
C ASN A 51 8.08 -22.05 -32.81
N SER A 52 7.53 -22.42 -31.64
CA SER A 52 6.06 -22.44 -31.54
C SER A 52 5.49 -21.02 -31.52
N LEU A 53 6.28 -20.01 -31.11
CA LEU A 53 5.82 -18.64 -31.29
C LEU A 53 5.64 -18.34 -32.76
N MET A 54 6.60 -18.78 -33.60
CA MET A 54 6.50 -18.57 -35.03
C MET A 54 5.34 -19.36 -35.64
N MET A 55 4.99 -20.50 -35.06
CA MET A 55 3.83 -21.26 -35.55
C MET A 55 2.52 -20.60 -35.11
N GLY A 56 2.53 -19.94 -33.94
CA GLY A 56 1.33 -19.29 -33.43
C GLY A 56 0.81 -18.21 -34.34
N GLU A 57 1.70 -17.48 -35.02
CA GLU A 57 1.26 -16.44 -35.94
C GLU A 57 0.50 -17.02 -37.13
N ASP A 58 0.95 -18.19 -37.62
CA ASP A 58 0.24 -18.85 -38.71
C ASP A 58 -1.11 -19.40 -38.26
N LYS A 59 -1.35 -19.53 -36.96
CA LYS A 59 -2.59 -20.12 -36.44
C LYS A 59 -3.56 -19.09 -35.87
N ILE A 60 -3.09 -18.14 -35.09
CA ILE A 60 -3.96 -17.14 -34.47
C ILE A 60 -4.08 -15.90 -35.37
N GLU A 74 13.62 -8.81 -33.53
CA GLU A 74 13.95 -9.56 -32.31
C GLU A 74 12.68 -10.03 -31.60
N VAL A 75 12.76 -11.18 -30.95
CA VAL A 75 11.57 -11.79 -30.37
C VAL A 75 11.09 -11.03 -29.13
N ALA A 76 12.02 -10.71 -28.22
CA ALA A 76 11.64 -10.06 -26.97
C ALA A 76 10.95 -8.74 -27.23
N ILE A 77 11.40 -8.01 -28.26
CA ILE A 77 10.78 -6.74 -28.60
C ILE A 77 9.37 -6.95 -29.13
N ARG A 78 9.19 -7.87 -30.08
CA ARG A 78 7.88 -8.10 -30.68
C ARG A 78 6.85 -8.46 -29.61
N ILE A 79 7.24 -9.28 -28.63
CA ILE A 79 6.37 -9.61 -27.51
C ILE A 79 6.09 -8.35 -26.70
N PHE A 80 7.11 -7.51 -26.47
CA PHE A 80 6.90 -6.28 -25.73
C PHE A 80 5.87 -5.39 -26.42
N GLN A 81 6.02 -5.20 -27.75
CA GLN A 81 5.07 -4.40 -28.47
C GLN A 81 3.67 -5.03 -28.45
N GLY A 82 3.59 -6.36 -28.44
CA GLY A 82 2.30 -7.01 -28.26
C GLY A 82 1.65 -6.67 -26.94
N CYS A 83 2.44 -6.57 -25.86
CA CYS A 83 1.92 -6.17 -24.56
C CYS A 83 1.43 -4.72 -24.55
N GLN A 84 2.19 -3.81 -25.17
CA GLN A 84 1.78 -2.41 -25.23
C GLN A 84 0.48 -2.25 -25.99
N PHE A 85 0.36 -2.92 -27.15
CA PHE A 85 -0.85 -2.84 -27.96
C PHE A 85 -2.07 -3.36 -27.20
N ARG A 86 -1.91 -4.49 -26.50
CA ARG A 86 -3.01 -5.01 -25.69
C ARG A 86 -3.34 -4.08 -24.53
N SER A 87 -2.34 -3.38 -23.97
CA SER A 87 -2.58 -2.47 -22.87
C SER A 87 -3.40 -1.27 -23.32
N VAL A 88 -3.15 -0.78 -24.54
CA VAL A 88 -3.94 0.32 -25.08
C VAL A 88 -5.40 -0.09 -25.21
N GLU A 89 -5.65 -1.29 -25.74
CA GLU A 89 -7.02 -1.82 -25.76
C GLU A 89 -7.62 -1.86 -24.37
N ALA A 90 -6.83 -2.29 -23.37
CA ALA A 90 -7.38 -2.38 -22.02
C ALA A 90 -7.69 -1.01 -21.44
N VAL A 91 -6.82 -0.02 -21.69
CA VAL A 91 -7.11 1.33 -21.25
C VAL A 91 -8.45 1.78 -21.83
N GLN A 92 -8.69 1.46 -23.11
CA GLN A 92 -9.94 1.82 -23.78
C GLN A 92 -11.12 1.13 -23.13
N GLU A 93 -10.97 -0.16 -22.80
CA GLU A 93 -12.06 -0.88 -22.15
C GLU A 93 -12.32 -0.37 -20.74
N ILE A 94 -11.26 -0.08 -19.99
CA ILE A 94 -11.42 0.43 -18.63
C ILE A 94 -12.05 1.82 -18.67
N THR A 95 -11.67 2.63 -19.66
CA THR A 95 -12.26 3.98 -19.75
C THR A 95 -13.76 3.89 -19.98
N GLU A 96 -14.18 2.97 -20.85
CA GLU A 96 -15.60 2.81 -21.13
C GLU A 96 -16.36 2.30 -19.91
N TYR A 97 -15.75 1.41 -19.12
CA TYR A 97 -16.38 0.97 -17.89
C TYR A 97 -16.51 2.10 -16.86
N ALA A 98 -15.47 2.93 -16.71
CA ALA A 98 -15.50 4.01 -15.73
C ALA A 98 -16.67 4.97 -15.96
N LYS A 99 -17.01 5.23 -17.22
CA LYS A 99 -18.14 6.11 -17.51
C LYS A 99 -19.43 5.57 -16.93
N SER A 100 -19.55 4.26 -16.77
CA SER A 100 -20.79 3.67 -16.29
C SER A 100 -20.90 3.73 -14.77
N ILE A 101 -19.82 4.07 -14.08
CA ILE A 101 -19.85 4.15 -12.63
C ILE A 101 -20.67 5.37 -12.21
N PRO A 102 -21.82 5.19 -11.54
CA PRO A 102 -22.66 6.33 -11.17
C PRO A 102 -21.88 7.45 -10.50
N GLY A 103 -21.94 8.65 -11.06
CA GLY A 103 -21.25 9.80 -10.50
C GLY A 103 -19.95 10.14 -11.19
N PHE A 104 -19.32 9.19 -11.90
CA PHE A 104 -17.99 9.46 -12.47
C PHE A 104 -18.03 10.59 -13.50
N VAL A 105 -18.95 10.52 -14.47
CA VAL A 105 -18.93 11.51 -15.55
C VAL A 105 -19.44 12.88 -15.09
N ASN A 106 -20.00 12.96 -13.88
CA ASN A 106 -20.42 14.24 -13.31
C ASN A 106 -19.30 14.95 -12.55
N LEU A 107 -18.17 14.28 -12.35
CA LEU A 107 -17.02 14.89 -11.70
C LEU A 107 -16.40 15.91 -12.65
N ASP A 108 -15.66 16.85 -12.08
CA ASP A 108 -14.78 17.74 -12.82
C ASP A 108 -13.86 16.97 -13.78
N LEU A 109 -13.66 17.55 -14.98
CA LEU A 109 -12.97 16.83 -16.06
C LEU A 109 -11.54 16.50 -15.72
N ASN A 110 -10.80 17.46 -15.16
CA ASN A 110 -9.42 17.23 -14.81
C ASN A 110 -9.30 16.06 -13.84
N ASP A 111 -10.25 15.94 -12.92
CA ASP A 111 -10.25 14.83 -11.97
C ASP A 111 -10.62 13.51 -12.65
N GLN A 112 -11.57 13.53 -13.60
CA GLN A 112 -11.86 12.34 -14.38
C GLN A 112 -10.60 11.84 -15.04
N VAL A 113 -9.81 12.74 -15.62
CA VAL A 113 -8.55 12.37 -16.24
C VAL A 113 -7.56 11.85 -15.21
N THR A 114 -7.47 12.50 -14.05
CA THR A 114 -6.49 12.11 -13.04
C THR A 114 -6.81 10.74 -12.44
N LEU A 115 -8.09 10.47 -12.15
CA LEU A 115 -8.46 9.16 -11.63
C LEU A 115 -8.11 8.04 -12.60
N LEU A 116 -8.36 8.27 -13.90
CA LEU A 116 -8.02 7.28 -14.93
C LEU A 116 -6.52 7.14 -15.10
N LYS A 117 -5.81 8.28 -15.12
CA LYS A 117 -4.36 8.26 -15.28
C LYS A 117 -3.68 7.36 -14.26
N TYR A 118 -4.08 7.48 -13.00
CA TYR A 118 -3.48 6.71 -11.92
C TYR A 118 -4.15 5.37 -11.70
N GLY A 119 -5.33 5.16 -12.27
CA GLY A 119 -6.08 3.96 -11.95
C GLY A 119 -5.96 2.84 -12.95
N VAL A 120 -5.71 3.17 -14.23
CA VAL A 120 -5.76 2.13 -15.26
C VAL A 120 -4.75 1.01 -14.98
N HIS A 121 -3.52 1.36 -14.57
CA HIS A 121 -2.50 0.32 -14.43
C HIS A 121 -2.80 -0.67 -13.32
N GLU A 122 -3.25 -0.18 -12.17
CA GLU A 122 -3.60 -1.09 -11.08
C GLU A 122 -4.74 -2.02 -11.49
N ILE A 123 -5.63 -1.54 -12.37
CA ILE A 123 -6.76 -2.33 -12.85
C ILE A 123 -6.29 -3.38 -13.87
N ILE A 124 -5.37 -3.00 -14.76
CA ILE A 124 -4.85 -3.94 -15.74
C ILE A 124 -4.20 -5.11 -15.04
N TYR A 125 -3.38 -4.85 -14.02
CA TYR A 125 -2.76 -5.95 -13.28
C TYR A 125 -3.80 -6.80 -12.57
N THR A 126 -4.86 -6.17 -12.07
CA THR A 126 -5.92 -6.91 -11.40
C THR A 126 -6.61 -7.86 -12.35
N MET A 127 -6.87 -7.40 -13.57
CA MET A 127 -7.65 -8.16 -14.53
C MET A 127 -6.79 -9.15 -15.30
N LEU A 128 -5.49 -8.84 -15.42
CA LEU A 128 -4.53 -9.77 -16.00
C LEU A 128 -4.41 -11.04 -15.16
N ALA A 129 -4.55 -10.93 -13.85
CA ALA A 129 -4.56 -12.12 -13.00
C ALA A 129 -5.64 -13.11 -13.45
N SER A 130 -6.79 -12.61 -13.91
CA SER A 130 -7.87 -13.49 -14.37
C SER A 130 -7.44 -14.39 -15.52
N LEU A 131 -6.50 -13.93 -16.36
CA LEU A 131 -6.03 -14.65 -17.53
C LEU A 131 -4.81 -15.52 -17.23
N MET A 132 -4.44 -15.67 -15.95
CA MET A 132 -3.18 -16.28 -15.53
C MET A 132 -3.43 -17.50 -14.65
N ASN A 133 -2.53 -18.48 -14.75
CA ASN A 133 -2.35 -19.44 -13.67
C ASN A 133 -0.86 -19.51 -13.37
N LYS A 134 -0.43 -20.48 -12.54
CA LYS A 134 0.99 -20.50 -12.20
C LYS A 134 1.89 -20.81 -13.38
N ASP A 135 1.33 -21.32 -14.50
CA ASP A 135 2.14 -21.76 -15.64
C ASP A 135 2.12 -20.82 -16.84
N GLY A 136 1.21 -19.87 -16.94
CA GLY A 136 1.23 -18.93 -18.05
C GLY A 136 0.02 -18.00 -18.06
N VAL A 137 -0.14 -17.32 -19.20
CA VAL A 137 -1.15 -16.28 -19.41
C VAL A 137 -1.86 -16.53 -20.73
N LEU A 138 -3.18 -16.30 -20.75
CA LEU A 138 -3.96 -16.32 -21.99
C LEU A 138 -3.69 -15.06 -22.81
N ILE A 139 -3.77 -15.20 -24.14
CA ILE A 139 -3.49 -14.08 -25.04
C ILE A 139 -4.46 -14.14 -26.21
N SER A 140 -4.58 -13.01 -26.91
CA SER A 140 -5.43 -12.88 -28.10
C SER A 140 -6.85 -13.39 -27.85
N GLU A 141 -7.51 -12.73 -26.88
CA GLU A 141 -8.87 -13.06 -26.43
C GLU A 141 -9.04 -14.56 -26.12
N GLY A 142 -7.99 -15.18 -25.59
CA GLY A 142 -8.03 -16.55 -25.13
C GLY A 142 -7.70 -17.60 -26.16
N GLN A 143 -7.40 -17.22 -27.41
CA GLN A 143 -7.01 -18.21 -28.40
C GLN A 143 -5.61 -18.74 -28.16
N GLY A 144 -4.76 -17.96 -27.48
CA GLY A 144 -3.40 -18.36 -27.23
C GLY A 144 -3.14 -18.52 -25.74
N PHE A 145 -1.99 -19.14 -25.44
CA PHE A 145 -1.50 -19.29 -24.08
C PHE A 145 0.02 -19.26 -24.15
N MET A 146 0.62 -18.29 -23.46
CA MET A 146 2.07 -18.11 -23.42
C MET A 146 2.56 -18.50 -22.04
N THR A 147 3.55 -19.40 -21.98
CA THR A 147 4.01 -19.95 -20.72
C THR A 147 4.83 -18.94 -19.93
N ARG A 148 4.80 -19.09 -18.60
CA ARG A 148 5.59 -18.25 -17.72
C ARG A 148 7.08 -18.41 -17.95
N GLU A 149 7.55 -19.67 -18.12
CA GLU A 149 8.97 -19.94 -18.27
C GLU A 149 9.51 -19.36 -19.57
N PHE A 150 8.71 -19.37 -20.63
CA PHE A 150 9.14 -18.71 -21.87
C PHE A 150 9.33 -17.21 -21.66
N LEU A 151 8.38 -16.55 -20.99
CA LEU A 151 8.50 -15.12 -20.71
C LEU A 151 9.69 -14.81 -19.79
N LYS A 152 9.84 -15.59 -18.71
CA LYS A 152 10.97 -15.42 -17.80
C LYS A 152 12.31 -15.53 -18.52
N SER A 153 12.36 -16.26 -19.63
CA SER A 153 13.61 -16.55 -20.33
C SER A 153 13.99 -15.53 -21.40
N LEU A 154 13.14 -14.54 -21.68
CA LEU A 154 13.50 -13.52 -22.67
C LEU A 154 14.75 -12.75 -22.23
N ARG A 155 15.44 -12.15 -23.20
CA ARG A 155 16.77 -11.61 -22.96
C ARG A 155 16.73 -10.30 -22.15
N LYS A 156 17.94 -9.88 -21.74
CA LYS A 156 18.37 -8.68 -21.01
C LYS A 156 17.28 -8.20 -20.04
N PRO A 157 16.59 -7.04 -20.18
CA PRO A 157 15.65 -6.68 -19.10
C PRO A 157 14.25 -7.24 -19.27
N PHE A 158 13.90 -7.77 -20.45
CA PHE A 158 12.51 -8.13 -20.73
C PHE A 158 12.08 -9.39 -19.98
N GLY A 159 13.03 -10.28 -19.70
CA GLY A 159 12.70 -11.47 -18.93
C GLY A 159 12.14 -11.16 -17.56
N ASP A 160 12.71 -10.17 -16.89
CA ASP A 160 12.28 -9.73 -15.57
C ASP A 160 11.08 -8.78 -15.63
N PHE A 161 10.51 -8.57 -16.81
CA PHE A 161 9.36 -7.69 -17.00
C PHE A 161 8.03 -8.39 -16.66
N MET A 162 7.91 -9.64 -17.05
CA MET A 162 6.65 -10.39 -16.97
C MET A 162 6.44 -11.04 -15.61
N GLU A 163 7.54 -11.40 -14.93
CA GLU A 163 7.47 -12.30 -13.78
C GLU A 163 6.77 -11.71 -12.56
N PRO A 164 7.01 -10.46 -12.13
CA PRO A 164 6.27 -9.94 -10.96
C PRO A 164 4.73 -9.89 -11.15
N LYS A 165 4.25 -9.85 -12.39
CA LYS A 165 2.82 -9.99 -12.64
C LYS A 165 2.32 -11.37 -12.21
N PHE A 166 3.05 -12.41 -12.63
CA PHE A 166 2.70 -13.78 -12.24
C PHE A 166 2.71 -13.95 -10.73
N GLU A 167 3.73 -13.40 -10.07
CA GLU A 167 3.85 -13.49 -8.62
C GLU A 167 2.63 -12.91 -7.92
N PHE A 168 2.20 -11.72 -8.34
CA PHE A 168 0.95 -11.16 -7.81
C PHE A 168 -0.24 -12.07 -8.10
N ALA A 169 -0.39 -12.47 -9.37
CA ALA A 169 -1.61 -13.16 -9.80
C ALA A 169 -1.84 -14.45 -9.01
N VAL A 170 -0.77 -15.21 -8.73
CA VAL A 170 -0.91 -16.47 -8.00
C VAL A 170 -1.49 -16.21 -6.62
N LYS A 171 -0.99 -15.19 -5.92
CA LYS A 171 -1.54 -14.80 -4.62
C LYS A 171 -2.96 -14.26 -4.76
N PHE A 172 -3.16 -13.31 -5.70
CA PHE A 172 -4.47 -12.67 -5.83
C PHE A 172 -5.56 -13.69 -6.18
N ASN A 173 -5.25 -14.65 -7.06
CA ASN A 173 -6.24 -15.63 -7.49
C ASN A 173 -6.67 -16.58 -6.39
N ALA A 174 -5.84 -16.72 -5.35
CA ALA A 174 -6.21 -17.53 -4.19
C ALA A 174 -7.38 -16.94 -3.41
N LEU A 175 -7.73 -15.66 -3.66
CA LEU A 175 -8.94 -15.11 -3.04
C LEU A 175 -10.21 -15.66 -3.68
N GLU A 176 -10.08 -16.26 -4.87
CA GLU A 176 -11.18 -16.90 -5.59
C GLU A 176 -12.30 -15.92 -5.91
N LEU A 177 -11.94 -14.71 -6.29
CA LEU A 177 -12.96 -13.75 -6.69
C LEU A 177 -13.59 -14.19 -8.01
N ASP A 178 -14.87 -13.85 -8.19
CA ASP A 178 -15.48 -14.00 -9.49
C ASP A 178 -15.71 -12.61 -10.08
N ASP A 179 -16.29 -12.60 -11.28
CA ASP A 179 -16.44 -11.34 -12.03
C ASP A 179 -17.32 -10.35 -11.31
N SER A 180 -18.41 -10.82 -10.68
CA SER A 180 -19.33 -9.91 -9.99
C SER A 180 -18.65 -9.21 -8.81
N ASP A 181 -17.69 -9.88 -8.15
CA ASP A 181 -16.87 -9.21 -7.14
C ASP A 181 -15.89 -8.23 -7.79
N LEU A 182 -15.24 -8.64 -8.87
CA LEU A 182 -14.21 -7.82 -9.47
C LEU A 182 -14.79 -6.52 -10.03
N ALA A 183 -16.03 -6.56 -10.53
CA ALA A 183 -16.69 -5.37 -11.04
C ALA A 183 -16.75 -4.28 -9.98
N ILE A 184 -17.11 -4.62 -8.75
CA ILE A 184 -17.15 -3.57 -7.72
C ILE A 184 -15.74 -3.16 -7.32
N PHE A 185 -14.82 -4.12 -7.17
CA PHE A 185 -13.44 -3.82 -6.77
C PHE A 185 -12.75 -2.86 -7.74
N ILE A 186 -12.87 -3.12 -9.05
CA ILE A 186 -12.28 -2.25 -10.06
C ILE A 186 -12.81 -0.82 -9.94
N ALA A 187 -14.11 -0.69 -9.66
CA ALA A 187 -14.71 0.63 -9.47
C ALA A 187 -14.14 1.32 -8.24
N VAL A 188 -13.95 0.57 -7.15
CA VAL A 188 -13.36 1.13 -5.93
C VAL A 188 -11.98 1.70 -6.22
N ILE A 189 -11.21 1.00 -7.07
CA ILE A 189 -9.85 1.45 -7.41
C ILE A 189 -9.88 2.76 -8.17
N ILE A 190 -10.82 2.90 -9.12
CA ILE A 190 -10.85 4.12 -9.94
C ILE A 190 -11.15 5.33 -9.07
N LEU A 191 -12.12 5.22 -8.18
CA LEU A 191 -12.58 6.34 -7.37
C LEU A 191 -11.75 6.49 -6.10
N SER A 192 -10.43 6.52 -6.23
CA SER A 192 -9.55 6.78 -5.10
C SER A 192 -9.37 8.28 -4.92
N GLY A 193 -9.77 8.80 -3.76
CA GLY A 193 -9.58 10.20 -3.44
C GLY A 193 -8.18 10.60 -3.00
N ASP A 194 -7.22 9.67 -3.00
CA ASP A 194 -5.86 9.97 -2.59
C ASP A 194 -4.91 10.08 -3.77
N ARG A 195 -5.43 10.22 -4.98
CA ARG A 195 -4.58 10.35 -6.15
C ARG A 195 -3.95 11.75 -6.22
N PRO A 196 -2.71 11.85 -6.71
CA PRO A 196 -2.06 13.16 -6.79
C PRO A 196 -2.78 14.11 -7.73
N GLY A 197 -2.94 15.36 -7.29
CA GLY A 197 -3.45 16.42 -8.13
C GLY A 197 -4.96 16.53 -8.22
N LEU A 198 -5.72 15.80 -7.41
CA LEU A 198 -7.16 15.90 -7.47
C LEU A 198 -7.62 17.25 -6.98
N LEU A 199 -8.61 17.84 -7.66
CA LEU A 199 -9.11 19.14 -7.24
C LEU A 199 -10.21 19.00 -6.22
N ASN A 200 -11.06 17.98 -6.34
CA ASN A 200 -12.28 17.85 -5.54
C ASN A 200 -12.32 16.47 -4.92
N VAL A 201 -11.66 16.30 -3.78
CA VAL A 201 -11.57 14.97 -3.18
C VAL A 201 -12.92 14.53 -2.63
N LYS A 202 -13.69 15.46 -2.05
CA LYS A 202 -14.92 15.10 -1.37
C LYS A 202 -15.92 14.37 -2.26
N PRO A 203 -16.27 14.85 -3.46
CA PRO A 203 -17.26 14.11 -4.26
C PRO A 203 -16.74 12.76 -4.74
N ILE A 204 -15.43 12.60 -4.88
CA ILE A 204 -14.86 11.32 -5.24
C ILE A 204 -14.99 10.33 -4.09
N GLU A 205 -14.70 10.78 -2.86
CA GLU A 205 -14.79 9.92 -1.68
C GLU A 205 -16.22 9.56 -1.31
N ASP A 206 -17.20 10.43 -1.59
CA ASP A 206 -18.59 10.04 -1.40
C ASP A 206 -18.96 8.90 -2.35
N ILE A 207 -18.49 8.97 -3.60
CA ILE A 207 -18.75 7.88 -4.53
C ILE A 207 -18.08 6.60 -4.04
N GLN A 208 -16.84 6.69 -3.53
CA GLN A 208 -16.15 5.47 -3.13
C GLN A 208 -16.79 4.82 -1.90
N ASP A 209 -17.27 5.63 -0.94
CA ASP A 209 -17.98 5.06 0.21
C ASP A 209 -19.16 4.21 -0.21
N ASN A 210 -19.91 4.66 -1.22
CA ASN A 210 -21.01 3.85 -1.76
C ASN A 210 -20.48 2.56 -2.36
N LEU A 211 -19.40 2.63 -3.14
CA LEU A 211 -18.82 1.45 -3.77
C LEU A 211 -18.25 0.48 -2.74
N LEU A 212 -17.61 1.02 -1.69
CA LEU A 212 -17.06 0.15 -0.65
C LEU A 212 -18.17 -0.53 0.12
N GLN A 213 -19.25 0.20 0.42
CA GLN A 213 -20.44 -0.41 1.01
C GLN A 213 -20.99 -1.54 0.13
N ALA A 214 -21.00 -1.33 -1.19
CA ALA A 214 -21.50 -2.36 -2.10
C ALA A 214 -20.56 -3.56 -2.13
N LEU A 215 -19.24 -3.31 -2.15
CA LEU A 215 -18.29 -4.41 -2.18
C LEU A 215 -18.34 -5.22 -0.89
N GLU A 216 -18.44 -4.53 0.24
CA GLU A 216 -18.54 -5.20 1.53
C GLU A 216 -19.72 -6.16 1.56
N LEU A 217 -20.90 -5.67 1.15
CA LEU A 217 -22.09 -6.50 1.13
C LEU A 217 -21.98 -7.61 0.08
N GLN A 218 -21.41 -7.31 -1.08
CA GLN A 218 -21.25 -8.33 -2.14
C GLN A 218 -20.34 -9.46 -1.66
N LEU A 219 -19.21 -9.13 -1.05
CA LEU A 219 -18.31 -10.18 -0.60
C LEU A 219 -18.93 -11.00 0.51
N LYS A 220 -19.77 -10.38 1.34
CA LYS A 220 -20.39 -11.13 2.44
C LYS A 220 -21.44 -12.12 1.92
N LEU A 221 -22.20 -11.74 0.89
CA LEU A 221 -23.22 -12.64 0.36
C LEU A 221 -22.60 -13.76 -0.49
N ASN A 222 -21.63 -13.42 -1.33
CA ASN A 222 -21.07 -14.34 -2.31
C ASN A 222 -19.99 -15.23 -1.73
N HIS A 223 -19.41 -14.88 -0.57
CA HIS A 223 -18.35 -15.66 0.08
C HIS A 223 -18.60 -15.71 1.58
N PRO A 224 -19.77 -16.20 2.02
CA PRO A 224 -20.12 -16.09 3.45
C PRO A 224 -19.17 -16.83 4.38
N GLU A 225 -18.39 -17.77 3.87
CA GLU A 225 -17.44 -18.56 4.64
C GLU A 225 -16.02 -17.98 4.58
N SER A 226 -15.78 -16.99 3.71
CA SER A 226 -14.46 -16.42 3.51
C SER A 226 -14.30 -15.24 4.46
N SER A 227 -13.83 -15.54 5.67
CA SER A 227 -13.77 -14.58 6.76
C SER A 227 -12.87 -13.40 6.42
N GLN A 228 -13.39 -12.19 6.65
CA GLN A 228 -12.63 -10.94 6.47
C GLN A 228 -12.07 -10.80 5.05
N LEU A 229 -12.78 -11.33 4.07
CA LEU A 229 -12.34 -11.20 2.68
C LEU A 229 -12.34 -9.74 2.24
N PHE A 230 -13.28 -8.95 2.76
CA PHE A 230 -13.28 -7.50 2.49
C PHE A 230 -11.94 -6.87 2.85
N ALA A 231 -11.50 -7.03 4.11
CA ALA A 231 -10.20 -6.53 4.54
C ALA A 231 -9.06 -7.11 3.70
N LYS A 232 -9.08 -8.42 3.43
CA LYS A 232 -7.96 -9.03 2.70
C LYS A 232 -7.87 -8.50 1.28
N LEU A 233 -9.02 -8.24 0.65
CA LEU A 233 -9.04 -7.67 -0.70
C LEU A 233 -8.50 -6.24 -0.72
N LEU A 234 -8.85 -5.39 0.27
CA LEU A 234 -8.31 -4.04 0.30
C LEU A 234 -6.80 -4.06 0.51
N GLN A 235 -6.30 -5.03 1.28
CA GLN A 235 -4.86 -5.14 1.51
C GLN A 235 -4.11 -5.46 0.22
N LYS A 236 -4.78 -6.01 -0.78
CA LYS A 236 -4.14 -6.26 -2.07
C LYS A 236 -3.88 -4.97 -2.85
N MET A 237 -4.62 -3.89 -2.55
CA MET A 237 -4.35 -2.60 -3.21
C MET A 237 -2.93 -2.12 -2.88
N THR A 238 -2.39 -2.53 -1.74
CA THR A 238 -0.98 -2.30 -1.45
C THR A 238 -0.08 -3.01 -2.47
N ASP A 239 -0.31 -4.30 -2.70
CA ASP A 239 0.53 -5.04 -3.63
C ASP A 239 0.41 -4.51 -5.04
N LEU A 240 -0.77 -4.04 -5.44
CA LEU A 240 -0.93 -3.43 -6.76
C LEU A 240 -0.10 -2.16 -6.88
N ARG A 241 -0.14 -1.30 -5.86
CA ARG A 241 0.61 -0.06 -5.95
C ARG A 241 2.10 -0.32 -6.15
N GLN A 242 2.64 -1.36 -5.51
CA GLN A 242 4.06 -1.62 -5.59
C GLN A 242 4.46 -2.15 -6.97
N ILE A 243 3.60 -2.98 -7.57
CA ILE A 243 3.95 -3.55 -8.86
C ILE A 243 3.89 -2.50 -9.97
N VAL A 244 2.99 -1.52 -9.85
CA VAL A 244 2.96 -0.38 -10.78
C VAL A 244 4.25 0.43 -10.71
N THR A 245 4.73 0.71 -9.49
CA THR A 245 5.97 1.47 -9.36
C THR A 245 7.15 0.71 -9.94
N GLU A 246 7.25 -0.59 -9.63
CA GLU A 246 8.30 -1.42 -10.19
C GLU A 246 8.24 -1.41 -11.71
N HIS A 247 7.03 -1.53 -12.26
CA HIS A 247 6.83 -1.55 -13.70
C HIS A 247 7.35 -0.27 -14.35
N VAL A 248 6.93 0.88 -13.82
CA VAL A 248 7.36 2.18 -14.33
C VAL A 248 8.88 2.29 -14.31
N GLN A 249 9.52 1.84 -13.24
CA GLN A 249 10.97 1.88 -13.18
C GLN A 249 11.61 1.01 -14.26
N LEU A 250 10.94 -0.07 -14.67
CA LEU A 250 11.51 -0.90 -15.73
C LEU A 250 11.31 -0.26 -17.11
N LEU A 251 10.17 0.42 -17.33
CA LEU A 251 9.97 1.15 -18.57
C LEU A 251 11.03 2.23 -18.75
N GLN A 252 11.31 2.99 -17.70
CA GLN A 252 12.34 4.03 -17.81
C GLN A 252 13.67 3.45 -18.30
N VAL A 253 14.04 2.24 -17.86
CA VAL A 253 15.30 1.64 -18.28
C VAL A 253 15.25 1.26 -19.75
N ILE A 254 14.11 0.70 -20.20
CA ILE A 254 13.97 0.30 -21.60
C ILE A 254 13.94 1.51 -22.54
N LYS A 255 13.24 2.59 -22.14
CA LYS A 255 13.18 3.79 -22.95
C LYS A 255 14.54 4.46 -23.14
N LYS A 256 15.52 4.10 -22.31
CA LYS A 256 16.86 4.66 -22.41
C LYS A 256 17.83 3.70 -23.08
N THR A 257 17.46 2.44 -23.22
CA THR A 257 18.31 1.43 -23.84
C THR A 257 17.92 1.15 -25.29
N GLU A 258 16.62 1.20 -25.60
CA GLU A 258 16.10 0.96 -26.95
C GLU A 258 15.57 2.32 -27.42
N THR A 259 16.45 3.12 -28.03
CA THR A 259 16.01 4.43 -28.52
C THR A 259 15.23 4.34 -29.83
N ASP A 260 15.28 3.22 -30.53
CA ASP A 260 14.48 3.01 -31.74
C ASP A 260 13.23 2.20 -31.43
N MET A 261 12.50 2.61 -30.39
CA MET A 261 11.27 1.93 -30.00
C MET A 261 10.32 2.93 -29.35
N SER A 262 9.07 2.95 -29.78
CA SER A 262 8.12 4.00 -29.40
C SER A 262 6.95 3.46 -28.59
N LEU A 263 6.22 4.40 -27.96
CA LEU A 263 5.03 4.11 -27.17
C LEU A 263 3.80 4.78 -27.76
N HIS A 264 2.65 4.12 -27.59
CA HIS A 264 1.36 4.65 -27.99
C HIS A 264 1.09 5.97 -27.26
N PRO A 265 0.54 6.99 -27.95
CA PRO A 265 0.27 8.27 -27.27
C PRO A 265 -0.46 8.13 -25.94
N LEU A 266 -1.44 7.23 -25.88
CA LEU A 266 -2.20 7.00 -24.66
C LEU A 266 -1.30 6.55 -23.50
N LEU A 267 -0.41 5.60 -23.76
CA LEU A 267 0.50 5.14 -22.71
C LEU A 267 1.53 6.22 -22.37
N GLN A 268 2.06 6.90 -23.39
CA GLN A 268 2.96 8.02 -23.16
C GLN A 268 2.38 9.04 -22.18
N GLU A 269 1.08 9.36 -22.35
CA GLU A 269 0.45 10.37 -21.49
C GLU A 269 0.24 9.85 -20.07
N ILE A 270 -0.17 8.58 -19.93
CA ILE A 270 -0.40 8.02 -18.60
C ILE A 270 0.84 8.07 -17.74
N TYR A 271 2.02 7.86 -18.34
CA TYR A 271 3.22 7.76 -17.52
C TYR A 271 3.89 9.11 -17.25
N LYS A 272 3.47 10.18 -17.92
CA LYS A 272 4.10 11.48 -17.70
C LYS A 272 3.87 11.96 -16.28
N ASP A 273 4.96 12.17 -15.53
CA ASP A 273 4.92 12.67 -14.15
C ASP A 273 4.01 11.82 -13.26
N LEU A 274 4.27 10.52 -13.25
CA LEU A 274 3.47 9.59 -12.46
C LEU A 274 4.25 9.19 -11.21
N GLU B 5 -19.58 -13.77 19.90
CA GLU B 5 -18.17 -13.43 20.09
C GLU B 5 -17.95 -11.92 20.15
N SER B 6 -19.03 -11.16 19.93
CA SER B 6 -18.96 -9.70 20.08
C SER B 6 -18.24 -9.32 21.37
N ALA B 7 -18.65 -9.92 22.49
CA ALA B 7 -18.01 -9.62 23.77
C ALA B 7 -16.53 -9.98 23.78
N ASP B 8 -16.13 -11.00 23.01
CA ASP B 8 -14.71 -11.37 22.93
C ASP B 8 -13.89 -10.40 22.09
N LEU B 9 -14.50 -9.78 21.07
CA LEU B 9 -13.77 -8.75 20.34
C LEU B 9 -13.57 -7.52 21.22
N ARG B 10 -14.60 -7.15 21.98
CA ARG B 10 -14.48 -6.04 22.93
C ARG B 10 -13.40 -6.33 23.98
N ALA B 11 -13.32 -7.57 24.46
CA ALA B 11 -12.25 -7.96 25.38
C ALA B 11 -10.88 -7.85 24.73
N LEU B 12 -10.75 -8.32 23.48
CA LEU B 12 -9.46 -8.22 22.80
C LEU B 12 -9.05 -6.77 22.60
N ALA B 13 -10.01 -5.90 22.25
CA ALA B 13 -9.73 -4.48 22.05
C ALA B 13 -9.28 -3.81 23.34
N LYS B 14 -9.93 -4.13 24.47
CA LYS B 14 -9.51 -3.58 25.76
C LYS B 14 -8.13 -4.10 26.16
N HIS B 15 -7.87 -5.39 25.95
CA HIS B 15 -6.57 -5.96 26.28
C HIS B 15 -5.47 -5.21 25.56
N LEU B 16 -5.65 -4.97 24.26
CA LEU B 16 -4.62 -4.28 23.50
C LEU B 16 -4.49 -2.83 23.94
N TYR B 17 -5.61 -2.16 24.23
CA TYR B 17 -5.54 -0.77 24.70
C TYR B 17 -4.78 -0.67 26.02
N ASP B 18 -5.09 -1.55 26.98
CA ASP B 18 -4.36 -1.53 28.25
C ASP B 18 -2.86 -1.72 28.04
N SER B 19 -2.46 -2.65 27.16
CA SER B 19 -1.06 -2.91 26.91
C SER B 19 -0.38 -1.75 26.16
N TYR B 20 -1.11 -1.14 25.23
CA TYR B 20 -0.59 -0.01 24.48
C TYR B 20 -0.27 1.15 25.41
N ILE B 21 -1.07 1.31 26.47
CA ILE B 21 -0.80 2.38 27.44
C ILE B 21 0.50 2.10 28.21
N LYS B 22 0.70 0.85 28.63
CA LYS B 22 1.89 0.52 29.43
C LYS B 22 3.16 0.58 28.59
N SER B 23 3.07 0.34 27.29
CA SER B 23 4.25 0.21 26.45
C SER B 23 4.77 1.52 25.90
N PHE B 24 3.91 2.50 25.71
CA PHE B 24 4.30 3.71 25.03
C PHE B 24 4.23 4.91 25.97
N PRO B 25 5.32 5.67 26.11
CA PRO B 25 5.35 6.69 27.17
C PRO B 25 4.39 7.84 26.93
N LEU B 26 4.21 8.27 25.68
CA LEU B 26 3.46 9.46 25.36
C LEU B 26 2.29 9.08 24.47
N THR B 27 1.06 9.10 25.01
CA THR B 27 -0.09 8.67 24.24
C THR B 27 -0.54 9.75 23.26
N LYS B 28 -1.45 9.38 22.35
CA LYS B 28 -1.99 10.37 21.42
C LYS B 28 -2.85 11.38 22.15
N ALA B 29 -3.67 10.93 23.11
CA ALA B 29 -4.47 11.86 23.90
C ALA B 29 -3.60 12.90 24.58
N LYS B 30 -2.50 12.44 25.19
CA LYS B 30 -1.62 13.40 25.87
C LYS B 30 -0.95 14.33 24.88
N ALA B 31 -0.44 13.80 23.75
CA ALA B 31 0.23 14.65 22.77
C ALA B 31 -0.73 15.70 22.18
N ARG B 32 -1.99 15.31 21.96
CA ARG B 32 -2.97 16.26 21.42
C ARG B 32 -3.26 17.37 22.41
N ALA B 33 -3.25 17.06 23.71
CA ALA B 33 -3.42 18.11 24.71
C ALA B 33 -2.30 19.13 24.62
N ILE B 34 -1.06 18.68 24.43
CA ILE B 34 0.07 19.60 24.32
C ILE B 34 0.02 20.41 23.02
N LEU B 35 -0.28 19.76 21.89
CA LEU B 35 -0.17 20.45 20.61
C LEU B 35 -1.19 21.59 20.49
N THR B 36 -2.41 21.36 20.95
CA THR B 36 -3.51 22.29 20.78
C THR B 36 -3.52 23.41 21.82
N GLY B 37 -2.88 23.22 22.95
CA GLY B 37 -2.87 24.21 24.01
C GLY B 37 -3.86 23.90 25.12
N LYS B 38 -4.37 22.67 25.17
CA LYS B 38 -5.40 22.25 26.12
C LYS B 38 -4.79 21.63 27.39
N LYS B 42 2.74 23.61 32.47
CA LYS B 42 3.20 22.74 31.39
C LYS B 42 3.10 23.45 30.03
N SER B 43 4.24 23.51 29.33
CA SER B 43 4.35 24.11 28.00
C SER B 43 5.72 23.80 27.42
N PRO B 44 5.76 23.19 26.23
CA PRO B 44 7.03 22.64 25.71
C PRO B 44 7.99 23.71 25.23
N PHE B 45 9.28 23.37 25.28
CA PHE B 45 10.30 24.20 24.65
C PHE B 45 10.19 24.11 23.13
N VAL B 46 10.34 25.24 22.45
CA VAL B 46 10.07 25.31 21.02
C VAL B 46 11.38 25.54 20.28
N ILE B 47 11.65 24.69 19.31
CA ILE B 47 12.80 24.81 18.44
C ILE B 47 12.30 25.27 17.08
N TYR B 48 12.70 26.48 16.68
CA TYR B 48 12.20 27.07 15.46
C TYR B 48 13.30 27.60 14.56
N ASP B 49 14.55 27.60 15.03
CA ASP B 49 15.69 28.13 14.28
C ASP B 49 16.98 27.58 14.90
N MET B 50 18.11 28.07 14.40
CA MET B 50 19.41 27.54 14.83
C MET B 50 19.66 27.82 16.31
N ASN B 51 19.38 29.05 16.77
CA ASN B 51 19.73 29.41 18.14
C ASN B 51 18.84 28.73 19.17
N SER B 52 17.55 28.57 18.88
CA SER B 52 16.70 27.89 19.85
C SER B 52 17.04 26.41 19.94
N LEU B 53 17.60 25.83 18.87
CA LEU B 53 18.10 24.45 18.98
C LEU B 53 19.25 24.36 20.00
N MET B 54 20.19 25.29 19.93
CA MET B 54 21.33 25.27 20.84
C MET B 54 20.93 25.48 22.30
N MET B 55 19.85 26.22 22.55
CA MET B 55 19.37 26.41 23.91
C MET B 55 18.60 25.19 24.41
N GLY B 56 17.86 24.54 23.52
CA GLY B 56 17.06 23.39 23.92
C GLY B 56 17.90 22.22 24.42
N GLU B 57 19.03 21.96 23.77
CA GLU B 57 19.90 20.89 24.23
C GLU B 57 20.53 21.24 25.58
N ASP B 58 20.90 22.51 25.76
CA ASP B 58 21.43 22.97 27.04
C ASP B 58 20.36 23.00 28.12
N LYS B 59 19.08 23.00 27.75
CA LYS B 59 17.97 23.07 28.69
C LYS B 59 17.17 21.76 28.80
N ILE B 60 16.86 21.10 27.68
CA ILE B 60 16.00 19.91 27.75
C ILE B 60 16.81 18.63 28.01
N LYS B 61 18.14 18.70 27.95
CA LYS B 61 19.02 17.59 28.27
C LYS B 61 18.63 16.34 27.47
N PHE B 62 18.86 16.43 26.16
CA PHE B 62 18.59 15.32 25.26
C PHE B 62 19.50 14.14 25.57
N LYS B 63 18.92 12.94 25.64
CA LYS B 63 19.63 11.74 26.07
C LYS B 63 20.68 11.26 25.08
N HIS B 64 20.91 11.98 23.97
CA HIS B 64 21.77 11.48 22.92
C HIS B 64 22.92 12.41 22.52
N ILE B 65 23.13 13.53 23.21
CA ILE B 65 24.16 14.48 22.79
C ILE B 65 25.53 13.92 23.13
N THR B 66 26.41 13.84 22.12
CA THR B 66 27.78 13.35 22.31
C THR B 66 28.54 14.23 23.29
N SER B 72 29.84 14.49 15.08
CA SER B 72 29.68 15.58 14.12
C SER B 72 29.26 16.89 14.79
N LYS B 73 29.83 17.99 14.30
CA LYS B 73 29.50 19.32 14.78
C LYS B 73 28.37 19.98 13.99
N GLU B 74 27.89 19.33 12.94
CA GLU B 74 26.93 19.97 12.04
C GLU B 74 25.51 19.78 12.53
N VAL B 75 24.69 20.81 12.28
CA VAL B 75 23.36 20.88 12.87
C VAL B 75 22.41 19.87 12.21
N ALA B 76 22.36 19.86 10.88
CA ALA B 76 21.46 18.94 10.19
C ALA B 76 21.78 17.49 10.52
N ILE B 77 23.06 17.17 10.66
CA ILE B 77 23.48 15.80 10.97
C ILE B 77 23.01 15.40 12.36
N ARG B 78 23.24 16.25 13.36
CA ARG B 78 22.87 15.92 14.73
C ARG B 78 21.37 15.66 14.87
N ILE B 79 20.53 16.44 14.17
CA ILE B 79 19.09 16.19 14.17
C ILE B 79 18.79 14.84 13.52
N PHE B 80 19.46 14.54 12.41
CA PHE B 80 19.22 13.25 11.76
C PHE B 80 19.55 12.09 12.70
N GLN B 81 20.72 12.13 13.35
CA GLN B 81 21.09 11.05 14.27
C GLN B 81 20.17 11.01 15.47
N GLY B 82 19.66 12.17 15.92
CA GLY B 82 18.65 12.18 16.97
C GLY B 82 17.39 11.42 16.58
N CYS B 83 17.01 11.51 15.29
CA CYS B 83 15.88 10.73 14.80
C CYS B 83 16.18 9.24 14.90
N GLN B 84 17.42 8.85 14.56
CA GLN B 84 17.86 7.46 14.64
C GLN B 84 17.83 6.93 16.07
N PHE B 85 18.36 7.69 17.03
CA PHE B 85 18.34 7.24 18.42
C PHE B 85 16.91 7.04 18.92
N ARG B 86 16.00 7.95 18.59
CA ARG B 86 14.64 7.79 19.05
C ARG B 86 13.96 6.58 18.42
N SER B 87 14.30 6.27 17.17
CA SER B 87 13.70 5.12 16.50
C SER B 87 14.17 3.81 17.12
N VAL B 88 15.45 3.73 17.51
CA VAL B 88 15.94 2.56 18.23
C VAL B 88 15.18 2.39 19.54
N GLU B 89 14.97 3.48 20.29
CA GLU B 89 14.13 3.41 21.49
C GLU B 89 12.71 2.92 21.18
N ALA B 90 12.11 3.43 20.10
CA ALA B 90 10.75 3.03 19.77
C ALA B 90 10.67 1.56 19.37
N VAL B 91 11.69 1.04 18.66
CA VAL B 91 11.71 -0.36 18.28
C VAL B 91 11.54 -1.26 19.50
N GLN B 92 12.22 -0.91 20.61
CA GLN B 92 12.09 -1.69 21.83
C GLN B 92 10.70 -1.55 22.42
N GLU B 93 10.11 -0.37 22.33
CA GLU B 93 8.76 -0.22 22.86
C GLU B 93 7.76 -1.04 22.07
N ILE B 94 7.89 -1.07 20.74
CA ILE B 94 7.03 -1.87 19.89
C ILE B 94 7.23 -3.37 20.14
N THR B 95 8.48 -3.78 20.35
CA THR B 95 8.77 -5.19 20.60
C THR B 95 8.06 -5.67 21.87
N GLU B 96 8.04 -4.81 22.90
CA GLU B 96 7.39 -5.19 24.14
C GLU B 96 5.87 -5.28 23.98
N TYR B 97 5.29 -4.34 23.23
CA TYR B 97 3.86 -4.38 22.94
C TYR B 97 3.46 -5.62 22.15
N ALA B 98 4.25 -5.96 21.13
CA ALA B 98 3.96 -7.17 20.34
C ALA B 98 3.83 -8.41 21.21
N LYS B 99 4.61 -8.53 22.29
CA LYS B 99 4.52 -9.69 23.15
C LYS B 99 3.13 -9.85 23.76
N SER B 100 2.41 -8.75 23.92
CA SER B 100 1.12 -8.83 24.56
C SER B 100 0.00 -9.18 23.58
N ILE B 101 0.27 -9.21 22.28
CA ILE B 101 -0.75 -9.54 21.30
C ILE B 101 -1.06 -11.02 21.44
N PRO B 102 -2.31 -11.40 21.81
CA PRO B 102 -2.64 -12.83 21.98
C PRO B 102 -2.21 -13.69 20.80
N GLY B 103 -1.36 -14.69 21.06
CA GLY B 103 -0.87 -15.59 20.05
C GLY B 103 0.53 -15.30 19.55
N PHE B 104 1.00 -14.06 19.70
CA PHE B 104 2.29 -13.66 19.11
C PHE B 104 3.45 -14.47 19.68
N VAL B 105 3.54 -14.61 21.00
CA VAL B 105 4.69 -15.32 21.58
C VAL B 105 4.63 -16.82 21.35
N ASN B 106 3.49 -17.35 20.92
CA ASN B 106 3.41 -18.76 20.56
C ASN B 106 3.88 -19.03 19.12
N LEU B 107 4.14 -18.01 18.33
CA LEU B 107 4.64 -18.26 16.99
C LEU B 107 6.10 -18.72 17.03
N ASP B 108 6.51 -19.44 16.00
CA ASP B 108 7.92 -19.76 15.73
C ASP B 108 8.80 -18.52 15.92
N LEU B 109 9.94 -18.71 16.60
CA LEU B 109 10.74 -17.57 17.05
C LEU B 109 11.27 -16.75 15.88
N ASN B 110 11.74 -17.42 14.84
CA ASN B 110 12.22 -16.73 13.63
C ASN B 110 11.13 -15.86 13.00
N ASP B 111 9.87 -16.32 13.05
CA ASP B 111 8.76 -15.56 12.47
C ASP B 111 8.44 -14.34 13.33
N GLN B 112 8.54 -14.45 14.67
CA GLN B 112 8.46 -13.26 15.52
C GLN B 112 9.54 -12.26 15.14
N VAL B 113 10.77 -12.72 14.93
CA VAL B 113 11.85 -11.81 14.55
C VAL B 113 11.55 -11.20 13.18
N THR B 114 11.00 -11.99 12.26
CA THR B 114 10.73 -11.48 10.91
C THR B 114 9.59 -10.45 10.89
N LEU B 115 8.49 -10.72 11.62
CA LEU B 115 7.38 -9.78 11.68
C LEU B 115 7.80 -8.44 12.28
N LEU B 116 8.58 -8.48 13.38
CA LEU B 116 9.03 -7.22 13.96
C LEU B 116 9.98 -6.49 13.03
N LYS B 117 10.94 -7.20 12.44
CA LYS B 117 11.91 -6.57 11.57
C LYS B 117 11.24 -5.75 10.47
N TYR B 118 10.21 -6.31 9.81
CA TYR B 118 9.56 -5.64 8.70
C TYR B 118 8.41 -4.72 9.13
N GLY B 119 7.97 -4.78 10.38
CA GLY B 119 6.83 -4.00 10.80
C GLY B 119 7.17 -2.71 11.53
N VAL B 120 8.35 -2.65 12.18
CA VAL B 120 8.68 -1.50 13.05
C VAL B 120 8.63 -0.20 12.26
N HIS B 121 9.09 -0.21 11.00
CA HIS B 121 9.12 1.04 10.23
C HIS B 121 7.72 1.57 9.98
N GLU B 122 6.77 0.70 9.64
CA GLU B 122 5.41 1.16 9.42
C GLU B 122 4.78 1.64 10.71
N ILE B 123 5.13 1.02 11.83
CA ILE B 123 4.54 1.44 13.11
C ILE B 123 5.18 2.73 13.59
N ILE B 124 6.49 2.90 13.40
CA ILE B 124 7.11 4.14 13.81
C ILE B 124 6.46 5.33 13.10
N TYR B 125 6.25 5.21 11.78
CA TYR B 125 5.60 6.30 11.05
C TYR B 125 4.17 6.53 11.51
N THR B 126 3.43 5.45 11.75
CA THR B 126 2.05 5.58 12.19
C THR B 126 1.97 6.31 13.52
N MET B 127 2.86 5.96 14.46
CA MET B 127 2.78 6.55 15.79
C MET B 127 3.41 7.92 15.86
N LEU B 128 4.34 8.21 14.94
CA LEU B 128 4.91 9.54 14.82
C LEU B 128 3.84 10.56 14.46
N ALA B 129 2.84 10.16 13.65
CA ALA B 129 1.73 11.06 13.32
C ALA B 129 1.03 11.55 14.58
N SER B 130 0.91 10.70 15.59
CA SER B 130 0.27 11.10 16.84
C SER B 130 0.97 12.31 17.46
N LEU B 131 2.27 12.47 17.25
CA LEU B 131 3.10 13.55 17.82
C LEU B 131 3.24 14.74 16.88
N MET B 132 2.52 14.73 15.76
CA MET B 132 2.67 15.75 14.72
C MET B 132 1.35 16.49 14.48
N ASN B 133 1.48 17.75 14.09
CA ASN B 133 0.43 18.44 13.36
C ASN B 133 1.08 19.09 12.15
N LYS B 134 0.33 19.94 11.45
CA LYS B 134 0.83 20.58 10.25
C LYS B 134 1.98 21.55 10.51
N ASP B 135 2.23 21.93 11.77
CA ASP B 135 3.23 22.93 12.09
C ASP B 135 4.49 22.41 12.77
N GLY B 136 4.47 21.19 13.32
CA GLY B 136 5.67 20.61 13.87
C GLY B 136 5.40 19.29 14.56
N VAL B 137 6.44 18.81 15.29
CA VAL B 137 6.45 17.52 15.94
C VAL B 137 6.91 17.70 17.39
N LEU B 138 6.28 16.95 18.31
CA LEU B 138 6.74 16.85 19.69
C LEU B 138 7.99 15.97 19.81
N ILE B 139 8.83 16.28 20.79
CA ILE B 139 10.05 15.54 21.08
C ILE B 139 10.24 15.45 22.59
N SER B 140 11.07 14.48 23.02
CA SER B 140 11.40 14.22 24.43
C SER B 140 10.15 14.06 25.29
N GLU B 141 9.32 13.09 24.90
CA GLU B 141 8.05 12.84 25.59
C GLU B 141 7.26 14.13 25.78
N GLY B 142 7.31 15.01 24.78
CA GLY B 142 6.50 16.21 24.76
C GLY B 142 7.09 17.43 25.43
N GLN B 143 8.33 17.37 25.94
CA GLN B 143 8.94 18.54 26.54
C GLN B 143 9.40 19.55 25.49
N GLY B 144 9.68 19.08 24.27
CA GLY B 144 10.11 19.94 23.19
C GLY B 144 9.08 19.92 22.06
N PHE B 145 9.26 20.86 21.14
CA PHE B 145 8.43 20.95 19.93
C PHE B 145 9.32 21.52 18.83
N MET B 146 9.52 20.78 17.75
CA MET B 146 10.39 21.23 16.69
C MET B 146 9.51 21.63 15.51
N THR B 147 9.64 22.86 15.03
CA THR B 147 8.70 23.30 14.02
C THR B 147 8.99 22.58 12.70
N ARG B 148 7.92 22.45 11.90
CA ARG B 148 8.03 21.87 10.57
C ARG B 148 8.91 22.72 9.66
N GLU B 149 8.79 24.04 9.77
CA GLU B 149 9.53 24.91 8.88
C GLU B 149 11.02 24.86 9.15
N PHE B 150 11.41 24.75 10.41
CA PHE B 150 12.82 24.61 10.73
C PHE B 150 13.37 23.30 10.17
N LEU B 151 12.65 22.19 10.35
CA LEU B 151 13.07 20.91 9.79
C LEU B 151 13.11 20.97 8.26
N LYS B 152 12.07 21.56 7.65
CA LYS B 152 11.99 21.70 6.20
C LYS B 152 13.22 22.39 5.63
N SER B 153 13.82 23.30 6.38
CA SER B 153 14.86 24.19 5.91
C SER B 153 16.27 23.65 6.09
N LEU B 154 16.43 22.46 6.70
CA LEU B 154 17.76 21.89 6.83
C LEU B 154 18.38 21.68 5.47
N ARG B 155 19.71 21.71 5.43
CA ARG B 155 20.45 21.79 4.19
C ARG B 155 20.45 20.44 3.44
N LYS B 156 21.00 20.48 2.21
CA LYS B 156 21.27 19.41 1.25
C LYS B 156 20.20 18.32 1.34
N PRO B 157 20.44 17.04 1.67
CA PRO B 157 19.32 16.09 1.60
C PRO B 157 18.46 16.05 2.86
N PHE B 158 18.90 16.69 3.96
CA PHE B 158 18.22 16.51 5.24
C PHE B 158 16.89 17.26 5.32
N GLY B 159 16.76 18.41 4.64
CA GLY B 159 15.50 19.12 4.64
C GLY B 159 14.35 18.31 4.04
N ASP B 160 14.61 17.63 2.93
CA ASP B 160 13.59 16.82 2.25
C ASP B 160 13.43 15.42 2.85
N PHE B 161 14.17 15.11 3.92
CA PHE B 161 14.03 13.86 4.62
C PHE B 161 12.90 13.93 5.63
N MET B 162 12.70 15.10 6.25
CA MET B 162 11.74 15.25 7.32
C MET B 162 10.32 15.52 6.82
N GLU B 163 10.21 16.23 5.70
CA GLU B 163 8.93 16.74 5.20
C GLU B 163 7.95 15.64 4.76
N PRO B 164 8.37 14.54 4.12
CA PRO B 164 7.38 13.50 3.75
C PRO B 164 6.68 12.85 4.93
N LYS B 165 7.31 12.84 6.11
CA LYS B 165 6.64 12.36 7.32
C LYS B 165 5.46 13.27 7.69
N PHE B 166 5.70 14.59 7.70
CA PHE B 166 4.62 15.55 7.98
C PHE B 166 3.48 15.41 6.98
N GLU B 167 3.81 15.27 5.70
CA GLU B 167 2.80 15.10 4.66
C GLU B 167 1.92 13.90 4.95
N PHE B 168 2.53 12.75 5.25
CA PHE B 168 1.76 11.56 5.64
C PHE B 168 0.91 11.84 6.87
N ALA B 169 1.53 12.41 7.93
CA ALA B 169 0.87 12.58 9.22
C ALA B 169 -0.37 13.45 9.10
N VAL B 170 -0.29 14.51 8.29
CA VAL B 170 -1.43 15.40 8.07
C VAL B 170 -2.62 14.64 7.51
N LYS B 171 -2.40 13.83 6.46
CA LYS B 171 -3.48 13.02 5.92
C LYS B 171 -3.97 11.99 6.94
N PHE B 172 -3.05 11.23 7.53
CA PHE B 172 -3.45 10.15 8.44
C PHE B 172 -4.26 10.65 9.62
N ASN B 173 -3.86 11.79 10.21
CA ASN B 173 -4.55 12.35 11.36
C ASN B 173 -5.96 12.87 11.01
N ALA B 174 -6.25 13.12 9.73
CA ALA B 174 -7.60 13.53 9.33
C ALA B 174 -8.63 12.45 9.60
N LEU B 175 -8.19 11.21 9.82
CA LEU B 175 -9.06 10.12 10.24
C LEU B 175 -9.49 10.24 11.69
N GLU B 176 -8.80 11.07 12.48
CA GLU B 176 -9.16 11.33 13.88
C GLU B 176 -9.23 10.06 14.72
N LEU B 177 -8.29 9.13 14.52
CA LEU B 177 -8.27 7.95 15.37
C LEU B 177 -7.79 8.31 16.78
N ASP B 178 -8.27 7.57 17.77
CA ASP B 178 -7.71 7.71 19.11
C ASP B 178 -6.86 6.48 19.44
N ASP B 179 -6.35 6.46 20.67
CA ASP B 179 -5.42 5.43 21.13
C ASP B 179 -6.05 4.03 21.12
N SER B 180 -7.32 3.90 21.54
CA SER B 180 -7.95 2.58 21.51
C SER B 180 -8.12 2.07 20.08
N ASP B 181 -8.35 2.97 19.12
CA ASP B 181 -8.32 2.56 17.71
C ASP B 181 -6.91 2.15 17.30
N LEU B 182 -5.91 2.95 17.69
CA LEU B 182 -4.54 2.73 17.25
C LEU B 182 -3.96 1.43 17.84
N ALA B 183 -4.30 1.11 19.08
CA ALA B 183 -3.81 -0.11 19.70
C ALA B 183 -4.12 -1.34 18.84
N ILE B 184 -5.34 -1.43 18.29
CA ILE B 184 -5.66 -2.56 17.41
C ILE B 184 -5.01 -2.40 16.03
N PHE B 185 -5.02 -1.19 15.47
CA PHE B 185 -4.38 -0.99 14.17
C PHE B 185 -2.91 -1.41 14.19
N ILE B 186 -2.17 -1.00 15.23
CA ILE B 186 -0.76 -1.37 15.32
C ILE B 186 -0.59 -2.89 15.34
N ALA B 187 -1.47 -3.59 16.05
CA ALA B 187 -1.40 -5.04 16.09
C ALA B 187 -1.63 -5.64 14.70
N VAL B 188 -2.59 -5.09 13.95
CA VAL B 188 -2.88 -5.58 12.60
C VAL B 188 -1.62 -5.48 11.72
N ILE B 189 -0.84 -4.40 11.87
CA ILE B 189 0.36 -4.23 11.05
C ILE B 189 1.40 -5.30 11.38
N ILE B 190 1.57 -5.61 12.68
CA ILE B 190 2.62 -6.54 13.08
C ILE B 190 2.37 -7.91 12.50
N LEU B 191 1.10 -8.33 12.48
CA LEU B 191 0.67 -9.65 12.02
C LEU B 191 0.40 -9.66 10.52
N SER B 192 1.33 -9.14 9.71
CA SER B 192 1.18 -9.26 8.26
C SER B 192 1.79 -10.58 7.80
N GLY B 193 0.96 -11.44 7.24
CA GLY B 193 1.46 -12.71 6.77
C GLY B 193 2.18 -12.66 5.44
N ASP B 194 2.40 -11.47 4.88
CA ASP B 194 3.06 -11.39 3.59
C ASP B 194 4.50 -10.90 3.72
N ARG B 195 5.09 -10.98 4.93
CA ARG B 195 6.49 -10.58 5.07
C ARG B 195 7.40 -11.63 4.44
N PRO B 196 8.48 -11.20 3.79
CA PRO B 196 9.42 -12.17 3.20
C PRO B 196 10.05 -13.04 4.27
N GLY B 197 10.14 -14.35 3.97
CA GLY B 197 10.86 -15.30 4.80
C GLY B 197 10.07 -15.94 5.92
N LEU B 198 8.75 -15.74 5.98
CA LEU B 198 7.97 -16.34 7.04
C LEU B 198 7.93 -17.86 6.86
N LEU B 199 8.07 -18.59 7.95
CA LEU B 199 8.07 -20.04 7.84
C LEU B 199 6.68 -20.64 7.95
N ASN B 200 5.81 -20.05 8.78
CA ASN B 200 4.47 -20.60 9.03
C ASN B 200 3.43 -19.46 9.00
N VAL B 201 2.95 -19.15 7.80
CA VAL B 201 2.04 -18.02 7.60
C VAL B 201 0.68 -18.27 8.23
N LYS B 202 0.21 -19.51 8.28
CA LYS B 202 -1.16 -19.76 8.72
C LYS B 202 -1.50 -19.16 10.09
N PRO B 203 -0.72 -19.42 11.15
CA PRO B 203 -1.10 -18.85 12.46
C PRO B 203 -1.00 -17.33 12.52
N ILE B 204 -0.17 -16.73 11.68
CA ILE B 204 -0.05 -15.27 11.65
C ILE B 204 -1.31 -14.66 11.05
N GLU B 205 -1.77 -15.23 9.93
CA GLU B 205 -2.98 -14.76 9.30
C GLU B 205 -4.21 -15.09 10.10
N ASP B 206 -4.19 -16.17 10.87
CA ASP B 206 -5.32 -16.41 11.77
C ASP B 206 -5.43 -15.33 12.83
N ILE B 207 -4.30 -14.93 13.43
CA ILE B 207 -4.34 -13.88 14.45
C ILE B 207 -4.81 -12.58 13.85
N GLN B 208 -4.36 -12.28 12.63
CA GLN B 208 -4.72 -11.01 12.02
C GLN B 208 -6.21 -10.97 11.71
N ASP B 209 -6.83 -12.12 11.36
CA ASP B 209 -8.28 -12.13 11.18
C ASP B 209 -9.00 -11.74 12.47
N ASN B 210 -8.54 -12.25 13.62
CA ASN B 210 -9.12 -11.83 14.89
C ASN B 210 -8.94 -10.32 15.08
N LEU B 211 -7.74 -9.83 14.81
CA LEU B 211 -7.47 -8.42 15.06
C LEU B 211 -8.29 -7.53 14.14
N LEU B 212 -8.46 -7.94 12.88
CA LEU B 212 -9.26 -7.17 11.94
C LEU B 212 -10.73 -7.16 12.35
N GLN B 213 -11.24 -8.30 12.82
CA GLN B 213 -12.57 -8.33 13.42
C GLN B 213 -12.69 -7.36 14.59
N ALA B 214 -11.68 -7.28 15.45
CA ALA B 214 -11.75 -6.36 16.58
C ALA B 214 -11.67 -4.92 16.12
N LEU B 215 -10.82 -4.65 15.12
CA LEU B 215 -10.66 -3.27 14.67
C LEU B 215 -11.94 -2.78 14.01
N GLU B 216 -12.56 -3.65 13.21
CA GLU B 216 -13.81 -3.33 12.54
C GLU B 216 -14.90 -2.94 13.55
N LEU B 217 -15.09 -3.76 14.59
CA LEU B 217 -16.13 -3.49 15.57
C LEU B 217 -15.80 -2.25 16.40
N GLN B 218 -14.53 -2.05 16.73
CA GLN B 218 -14.11 -0.89 17.49
C GLN B 218 -14.45 0.41 16.74
N LEU B 219 -14.15 0.44 15.44
CA LEU B 219 -14.40 1.65 14.64
C LEU B 219 -15.90 1.93 14.49
N LYS B 220 -16.75 0.89 14.48
CA LYS B 220 -18.18 1.13 14.35
C LYS B 220 -18.77 1.67 15.65
N LEU B 221 -18.32 1.17 16.79
CA LEU B 221 -18.83 1.66 18.07
C LEU B 221 -18.24 3.02 18.42
N ASN B 222 -16.95 3.20 18.15
CA ASN B 222 -16.26 4.42 18.56
C ASN B 222 -16.44 5.55 17.54
N HIS B 223 -16.83 5.23 16.31
CA HIS B 223 -17.05 6.22 15.25
C HIS B 223 -18.27 5.85 14.45
N PRO B 224 -19.44 5.75 15.09
CA PRO B 224 -20.64 5.25 14.39
C PRO B 224 -21.04 6.10 13.21
N GLU B 225 -20.57 7.34 13.12
CA GLU B 225 -20.90 8.27 12.06
C GLU B 225 -19.89 8.29 10.91
N SER B 226 -18.71 7.70 11.10
CA SER B 226 -17.62 7.78 10.12
C SER B 226 -17.72 6.57 9.20
N SER B 227 -18.51 6.71 8.14
CA SER B 227 -18.84 5.60 7.26
C SER B 227 -17.58 5.04 6.58
N GLN B 228 -17.45 3.71 6.60
CA GLN B 228 -16.34 3.01 5.94
C GLN B 228 -14.99 3.49 6.45
N LEU B 229 -14.91 3.86 7.74
CA LEU B 229 -13.63 4.25 8.31
C LEU B 229 -12.68 3.07 8.33
N PHE B 230 -13.20 1.87 8.59
CA PHE B 230 -12.41 0.64 8.50
C PHE B 230 -11.71 0.54 7.14
N ALA B 231 -12.49 0.60 6.06
CA ALA B 231 -11.94 0.55 4.71
C ALA B 231 -10.89 1.62 4.49
N LYS B 232 -11.17 2.85 4.94
CA LYS B 232 -10.27 3.99 4.71
C LYS B 232 -8.98 3.82 5.47
N LEU B 233 -9.05 3.25 6.68
CA LEU B 233 -7.85 2.99 7.47
C LEU B 233 -6.97 1.93 6.81
N LEU B 234 -7.56 0.86 6.29
CA LEU B 234 -6.78 -0.14 5.57
C LEU B 234 -6.15 0.45 4.33
N GLN B 235 -6.84 1.39 3.67
CA GLN B 235 -6.25 2.00 2.49
C GLN B 235 -5.00 2.81 2.85
N LYS B 236 -4.86 3.24 4.11
CA LYS B 236 -3.65 3.93 4.54
C LYS B 236 -2.46 2.98 4.65
N MET B 237 -2.69 1.68 4.80
CA MET B 237 -1.55 0.77 4.75
C MET B 237 -0.85 0.80 3.41
N THR B 238 -1.56 1.20 2.36
CA THR B 238 -0.85 1.47 1.10
C THR B 238 0.13 2.62 1.27
N ASP B 239 -0.34 3.73 1.83
CA ASP B 239 0.52 4.91 1.98
C ASP B 239 1.71 4.64 2.90
N LEU B 240 1.55 3.77 3.91
CA LEU B 240 2.66 3.43 4.80
C LEU B 240 3.74 2.65 4.07
N ARG B 241 3.34 1.61 3.33
CA ARG B 241 4.31 0.80 2.60
C ARG B 241 5.11 1.66 1.63
N GLN B 242 4.45 2.63 0.99
CA GLN B 242 5.14 3.42 -0.02
C GLN B 242 6.12 4.39 0.63
N ILE B 243 5.76 4.95 1.79
CA ILE B 243 6.67 5.93 2.39
C ILE B 243 7.88 5.21 3.02
N VAL B 244 7.68 4.00 3.56
CA VAL B 244 8.81 3.20 4.06
C VAL B 244 9.78 2.89 2.92
N THR B 245 9.27 2.59 1.74
CA THR B 245 10.14 2.31 0.60
C THR B 245 10.93 3.54 0.19
N GLU B 246 10.29 4.71 0.11
CA GLU B 246 11.01 5.95 -0.17
C GLU B 246 12.03 6.27 0.92
N HIS B 247 11.68 6.02 2.18
CA HIS B 247 12.58 6.28 3.29
C HIS B 247 13.89 5.51 3.15
N VAL B 248 13.78 4.21 2.88
CA VAL B 248 14.95 3.37 2.64
C VAL B 248 15.82 3.96 1.53
N GLN B 249 15.19 4.36 0.43
CA GLN B 249 15.93 4.96 -0.68
C GLN B 249 16.63 6.26 -0.28
N LEU B 250 16.07 7.00 0.69
CA LEU B 250 16.74 8.23 1.10
C LEU B 250 17.93 7.93 2.02
N LEU B 251 17.81 6.93 2.89
CA LEU B 251 18.96 6.55 3.71
C LEU B 251 20.16 6.13 2.85
N GLN B 252 19.93 5.26 1.86
CA GLN B 252 21.02 4.81 1.00
C GLN B 252 21.76 5.99 0.37
N VAL B 253 21.01 7.01 -0.03
CA VAL B 253 21.60 8.19 -0.65
C VAL B 253 22.40 9.01 0.37
N ILE B 254 21.93 9.08 1.61
CA ILE B 254 22.69 9.78 2.65
C ILE B 254 23.95 9.00 3.00
N LYS B 255 23.85 7.66 3.11
CA LYS B 255 25.02 6.84 3.42
C LYS B 255 26.08 6.87 2.33
N LYS B 256 25.71 7.25 1.11
CA LYS B 256 26.66 7.28 -0.01
C LYS B 256 27.17 8.67 -0.34
N THR B 257 26.51 9.72 0.13
CA THR B 257 26.91 11.10 -0.15
C THR B 257 27.63 11.76 1.01
N GLU B 258 27.37 11.31 2.24
CA GLU B 258 27.80 12.00 3.45
C GLU B 258 28.99 11.29 4.11
N THR B 259 30.20 11.81 3.84
CA THR B 259 31.41 11.32 4.47
C THR B 259 31.53 11.78 5.92
N ASP B 260 30.71 12.74 6.33
CA ASP B 260 30.67 13.26 7.70
C ASP B 260 29.55 12.64 8.52
N MET B 261 29.46 11.31 8.53
CA MET B 261 28.52 10.58 9.38
C MET B 261 29.28 9.80 10.44
N SER B 262 30.42 10.35 10.85
CA SER B 262 31.40 9.70 11.71
C SER B 262 30.79 9.30 13.04
N LEU B 263 30.51 8.01 13.21
CA LEU B 263 30.04 7.49 14.47
C LEU B 263 31.04 6.45 14.99
N HIS B 264 31.14 6.35 16.30
CA HIS B 264 31.95 5.31 16.91
C HIS B 264 31.49 3.95 16.39
N PRO B 265 32.41 3.06 16.00
CA PRO B 265 31.98 1.75 15.45
C PRO B 265 30.91 1.06 16.29
N LEU B 266 31.01 1.16 17.60
CA LEU B 266 29.99 0.63 18.50
C LEU B 266 28.64 1.31 18.28
N LEU B 267 28.63 2.62 18.02
CA LEU B 267 27.38 3.32 17.73
C LEU B 267 26.78 2.90 16.39
N GLN B 268 27.63 2.83 15.35
CA GLN B 268 27.19 2.32 14.05
C GLN B 268 26.53 0.96 14.20
N GLU B 269 27.10 0.12 15.09
CA GLU B 269 26.56 -1.21 15.30
C GLU B 269 25.18 -1.15 15.95
N ILE B 270 25.01 -0.26 16.93
CA ILE B 270 23.72 -0.14 17.60
C ILE B 270 22.64 0.25 16.60
N TYR B 271 22.98 1.14 15.68
CA TYR B 271 22.08 1.76 14.71
C TYR B 271 22.00 1.04 13.37
N LYS B 272 22.66 -0.12 13.22
CA LYS B 272 22.70 -0.78 11.92
C LYS B 272 21.31 -1.12 11.37
N ASP B 273 20.28 -1.19 12.22
CA ASP B 273 18.96 -1.60 11.76
C ASP B 273 18.25 -0.49 10.99
N LEU B 274 18.41 0.76 11.41
CA LEU B 274 17.72 1.87 10.77
C LEU B 274 18.66 2.73 9.92
O2 A1IP1 C . 16.24 16.79 16.61
C11 A1IP1 C . 10.14 10.47 17.34
C12 A1IP1 C . 9.48 9.25 17.53
C13 A1IP1 C . 8.73 9.02 18.82
C27 A1IP1 C . 12.18 11.67 10.72
C14 A1IP1 C . 9.47 8.30 16.52
C17 A1IP1 C . 11.44 9.98 13.82
C16 A1IP1 C . 10.84 9.75 15.15
C18 A1IP1 C . 12.89 8.62 10.92
C29 A1IP1 C . 11.15 13.34 12.10
C20 A1IP1 C . 11.34 6.68 10.86
C21 A1IP1 C . 11.04 5.32 10.88
C26 A1IP1 C . 12.01 10.77 11.77
C25 A1IP1 C . 15.14 6.62 11.23
C24 A1IP1 C . 13.70 6.22 11.10
C23 A1IP1 C . 13.39 4.85 11.11
C22 A1IP1 C . 12.08 4.42 11.01
C19 A1IP1 C . 12.65 7.14 10.97
C15 A1IP1 C . 10.14 8.55 15.33
C28 A1IP1 C . 11.72 12.96 10.88
N2 A1IP1 C . 11.92 8.95 13.15
C7 A1IP1 C . 13.53 13.71 18.57
C8 A1IP1 C . 12.68 13.54 17.30
C9 A1IP1 C . 12.69 12.14 16.74
C10 A1IP1 C . 10.80 10.72 16.16
O4 A1IP1 C . 7.89 8.09 18.86
C6 A1IP1 C . 15.02 13.82 18.29
O1 A1IP1 C . 16.59 16.01 18.73
N1 A1IP1 C . 15.28 14.86 17.30
C5 A1IP1 C . 16.06 15.96 17.48
C1 A1IP1 C . 16.74 18.41 19.10
C2 A1IP1 C . 17.48 17.10 19.19
C3 A1IP1 C . 17.83 16.83 20.64
C4 A1IP1 C . 18.74 17.11 18.34
C30 A1IP1 C . 10.98 12.47 13.16
C31 A1IP1 C . 11.42 11.15 12.98
C32 A1IP1 C . 13.08 14.59 16.26
C33 A1IP1 C . 14.59 14.64 16.03
F1 A1IP1 C . 15.30 7.71 11.97
F2 A1IP1 C . 15.71 6.88 10.07
F3 A1IP1 C . 15.89 5.69 11.82
N3 A1IP1 C . 12.32 9.43 11.91
O3 A1IP1 C . 11.47 11.92 16.03
O5 A1IP1 C . 8.94 9.84 19.75
O6 A1IP1 C . 13.52 9.18 10.05
CL1 A1IP1 C . 10.00 7.79 10.70
CL2 A1IP1 C . 10.61 14.99 12.27
#